data_9UUJ
#
_entry.id   9UUJ
#
_cell.length_a   125.094
_cell.length_b   125.094
_cell.length_c   73.588
_cell.angle_alpha   90.00
_cell.angle_beta   90.00
_cell.angle_gamma   120.00
#
_symmetry.space_group_name_H-M   'P 64'
#
loop_
_entity.id
_entity.type
_entity.pdbx_description
1 polymer 'AP-2 complex subunit mu'
2 polymer 'Protein E7'
#
loop_
_entity_poly.entity_id
_entity_poly.type
_entity_poly.pdbx_seq_one_letter_code
_entity_poly.pdbx_strand_id
1 'polypeptide(L)'
;GHMQIGWRREGIKYRRNELFLDVLESVNLLMSPQGQVLSAHVSGRVVMKSYLSGMPECKFGMNDKIVIEKQGKGTADETS
KSGKQSIAIDDCTFHQCVRLSKFDSERSISFIPPDGEFELMRYRTTKDIILPFRVIPLVREVGRTKLEVKVVIKSNFKPS
LLAQKIEVRIPTPLNTSGVQVICMKGKAKYKASENAIVWKIKRMAGMKESQISAEIELLPTNDKKKWARPPISMNFEVPF
APSGLKVRYLKVFEPKLNYSDHDVIKWVRYIGRSGIYETRC
;
A
2 'polypeptide(L)' LYCYEQLNDSSEEEDEID B
#
# COMPACT_ATOMS: atom_id res chain seq x y z
N ILE A 5 15.15 -7.94 -32.45
CA ILE A 5 14.71 -7.60 -31.10
C ILE A 5 14.62 -8.90 -30.29
N GLY A 6 15.42 -8.98 -29.24
CA GLY A 6 15.60 -10.19 -28.49
C GLY A 6 14.66 -10.44 -27.34
N TRP A 7 13.75 -9.50 -27.08
CA TRP A 7 12.75 -9.67 -26.03
C TRP A 7 11.36 -9.97 -26.56
N ARG A 8 11.16 -9.90 -27.87
CA ARG A 8 9.83 -10.16 -28.45
C ARG A 8 10.02 -10.80 -29.81
N ARG A 9 9.30 -11.90 -30.03
CA ARG A 9 9.35 -12.59 -31.31
C ARG A 9 8.43 -11.91 -32.31
N GLU A 10 8.74 -12.11 -33.59
CA GLU A 10 7.93 -11.56 -34.68
C GLU A 10 6.80 -12.51 -35.03
N GLY A 11 5.68 -11.94 -35.47
CA GLY A 11 4.55 -12.72 -35.89
C GLY A 11 3.51 -13.01 -34.85
N ILE A 12 3.57 -12.36 -33.68
CA ILE A 12 2.54 -12.56 -32.66
C ILE A 12 1.26 -11.91 -33.14
N LYS A 13 0.14 -12.63 -33.02
CA LYS A 13 -1.17 -12.12 -33.43
C LYS A 13 -2.21 -12.60 -32.45
N TYR A 14 -2.82 -11.66 -31.73
CA TYR A 14 -3.97 -11.92 -30.87
C TYR A 14 -5.22 -11.33 -31.49
N ARG A 15 -6.35 -11.97 -31.22
CA ARG A 15 -7.65 -11.52 -31.70
C ARG A 15 -8.08 -10.27 -30.97
N ARG A 16 -8.36 -10.42 -29.68
CA ARG A 16 -8.74 -9.32 -28.80
C ARG A 16 -7.46 -8.71 -28.25
N ASN A 17 -7.02 -7.61 -28.86
CA ASN A 17 -5.85 -6.90 -28.35
C ASN A 17 -6.13 -6.25 -27.00
N GLU A 18 -5.86 -6.98 -25.91
CA GLU A 18 -6.10 -6.49 -24.57
C GLU A 18 -4.82 -5.95 -23.94
N LEU A 19 -4.99 -5.37 -22.75
CA LEU A 19 -3.91 -4.61 -22.12
C LEU A 19 -4.24 -4.47 -20.65
N PHE A 20 -3.53 -5.21 -19.80
CA PHE A 20 -3.71 -5.13 -18.36
C PHE A 20 -2.51 -4.42 -17.75
N LEU A 21 -2.79 -3.48 -16.84
CA LEU A 21 -1.78 -2.59 -16.28
C LEU A 21 -1.98 -2.52 -14.77
N ASP A 22 -1.01 -3.00 -14.01
CA ASP A 22 -1.07 -3.01 -12.55
C ASP A 22 -0.07 -2.02 -11.99
N VAL A 23 -0.55 -1.10 -11.16
CA VAL A 23 0.29 -0.11 -10.49
C VAL A 23 0.37 -0.52 -9.02
N LEU A 24 1.55 -0.97 -8.60
CA LEU A 24 1.75 -1.61 -7.30
C LEU A 24 2.69 -0.77 -6.47
N GLU A 25 2.16 -0.14 -5.42
CA GLU A 25 2.97 0.69 -4.54
C GLU A 25 3.01 0.10 -3.13
N SER A 26 4.02 0.53 -2.36
CA SER A 26 4.16 0.14 -0.96
C SER A 26 4.47 1.41 -0.17
N VAL A 27 3.51 1.86 0.63
CA VAL A 27 3.64 3.08 1.41
C VAL A 27 4.33 2.75 2.73
N ASN A 28 5.39 3.49 3.04
CA ASN A 28 6.16 3.31 4.26
C ASN A 28 6.12 4.60 5.07
N LEU A 29 5.95 4.48 6.37
CA LEU A 29 5.77 5.67 7.20
C LEU A 29 6.20 5.38 8.63
N LEU A 30 6.92 6.33 9.22
CA LEU A 30 7.15 6.37 10.65
C LEU A 30 6.60 7.67 11.18
N MET A 31 5.76 7.59 12.21
CA MET A 31 5.04 8.74 12.71
C MET A 31 5.14 8.83 14.22
N SER A 32 5.38 10.03 14.74
CA SER A 32 5.41 10.26 16.17
C SER A 32 4.00 10.06 16.74
N PRO A 33 3.87 9.95 18.06
CA PRO A 33 2.51 9.82 18.64
C PRO A 33 1.64 11.03 18.37
N GLN A 34 2.24 12.20 18.19
CA GLN A 34 1.51 13.44 18.00
C GLN A 34 1.09 13.68 16.55
N GLY A 35 1.37 12.73 15.65
CA GLY A 35 0.95 12.85 14.27
C GLY A 35 1.94 13.49 13.33
N GLN A 36 3.19 13.67 13.75
CA GLN A 36 4.21 14.25 12.89
C GLN A 36 4.88 13.15 12.07
N VAL A 37 5.01 13.38 10.77
CA VAL A 37 5.61 12.40 9.87
C VAL A 37 7.12 12.43 10.07
N LEU A 38 7.67 11.36 10.64
CA LEU A 38 9.11 11.30 10.89
C LEU A 38 9.88 10.89 9.64
N SER A 39 9.35 9.92 8.88
CA SER A 39 9.96 9.47 7.65
C SER A 39 8.88 8.75 6.84
N ALA A 40 8.87 8.99 5.53
CA ALA A 40 7.86 8.36 4.69
C ALA A 40 8.32 8.39 3.25
N HIS A 41 7.99 7.32 2.52
CA HIS A 41 8.25 7.22 1.10
C HIS A 41 7.39 6.11 0.53
N VAL A 42 7.25 6.10 -0.80
CA VAL A 42 6.52 5.07 -1.52
C VAL A 42 7.49 4.38 -2.46
N SER A 43 7.49 3.05 -2.45
CA SER A 43 8.22 2.23 -3.40
C SER A 43 7.23 1.54 -4.30
N GLY A 44 7.34 1.76 -5.61
CA GLY A 44 6.35 1.27 -6.54
C GLY A 44 6.97 0.60 -7.75
N ARG A 45 6.13 -0.16 -8.45
CA ARG A 45 6.49 -0.76 -9.73
C ARG A 45 5.25 -0.82 -10.60
N VAL A 46 5.45 -0.86 -11.91
CA VAL A 46 4.37 -0.88 -12.88
C VAL A 46 4.59 -2.08 -13.80
N VAL A 47 3.72 -3.08 -13.69
CA VAL A 47 3.80 -4.30 -14.49
C VAL A 47 2.69 -4.28 -15.53
N MET A 48 3.01 -4.81 -16.72
CA MET A 48 2.11 -4.72 -17.87
C MET A 48 1.88 -6.11 -18.43
N LYS A 49 0.63 -6.57 -18.41
CA LYS A 49 0.22 -7.76 -19.13
C LYS A 49 -0.22 -7.36 -20.53
N SER A 50 0.63 -7.65 -21.51
CA SER A 50 0.45 -7.20 -22.89
C SER A 50 0.00 -8.35 -23.77
N TYR A 51 -1.11 -8.17 -24.47
CA TYR A 51 -1.59 -9.12 -25.47
C TYR A 51 -1.92 -8.34 -26.75
N LEU A 52 -0.88 -7.88 -27.44
CA LEU A 52 -1.03 -7.10 -28.66
C LEU A 52 -0.39 -7.84 -29.83
N SER A 53 -0.90 -7.58 -31.02
CA SER A 53 -0.50 -8.31 -32.22
C SER A 53 0.64 -7.61 -32.94
N GLY A 54 1.57 -8.41 -33.47
CA GLY A 54 2.67 -7.86 -34.24
C GLY A 54 3.79 -7.30 -33.37
N MET A 55 4.43 -6.26 -33.88
CA MET A 55 5.47 -5.54 -33.15
C MET A 55 5.00 -4.13 -32.85
N PRO A 56 4.14 -3.95 -31.85
CA PRO A 56 3.55 -2.63 -31.60
C PRO A 56 4.53 -1.68 -30.91
N GLU A 57 4.21 -0.39 -31.01
CA GLU A 57 4.99 0.67 -30.41
C GLU A 57 4.10 1.42 -29.43
N CYS A 58 4.50 1.44 -28.15
CA CYS A 58 3.64 1.92 -27.08
C CYS A 58 4.26 3.12 -26.37
N LYS A 59 3.41 4.08 -26.03
CA LYS A 59 3.81 5.29 -25.32
C LYS A 59 3.02 5.37 -24.01
N PHE A 60 3.73 5.36 -22.90
CA PHE A 60 3.12 5.41 -21.58
C PHE A 60 3.40 6.78 -20.96
N GLY A 61 2.32 7.46 -20.56
CA GLY A 61 2.45 8.77 -19.97
C GLY A 61 1.68 8.86 -18.66
N MET A 62 2.01 9.88 -17.88
CA MET A 62 1.46 10.05 -16.54
C MET A 62 1.76 11.47 -16.07
N ASN A 63 1.32 11.78 -14.86
CA ASN A 63 1.52 13.10 -14.25
C ASN A 63 2.89 13.12 -13.57
N ASP A 64 3.93 13.39 -14.35
CA ASP A 64 5.28 13.44 -13.82
C ASP A 64 5.74 14.89 -13.75
N GLN A 85 -4.11 16.88 -9.69
CA GLN A 85 -3.04 16.18 -9.00
C GLN A 85 -1.78 16.06 -9.86
N SER A 86 -0.63 16.02 -9.20
CA SER A 86 0.64 15.78 -9.85
C SER A 86 1.52 14.96 -8.92
N ILE A 87 2.66 14.52 -9.44
CA ILE A 87 3.65 13.84 -8.62
C ILE A 87 5.02 13.99 -9.27
N ALA A 88 6.04 14.11 -8.42
CA ALA A 88 7.43 13.97 -8.83
C ALA A 88 7.93 12.61 -8.39
N ILE A 89 8.67 11.95 -9.28
CA ILE A 89 9.19 10.61 -9.04
C ILE A 89 10.70 10.72 -8.87
N ASP A 90 11.18 10.39 -7.67
CA ASP A 90 12.58 10.63 -7.33
C ASP A 90 13.50 9.76 -8.18
N ASP A 91 13.34 8.45 -8.11
CA ASP A 91 14.21 7.52 -8.81
C ASP A 91 13.45 6.77 -9.90
N CYS A 92 14.19 6.23 -10.86
CA CYS A 92 13.62 5.43 -11.92
C CYS A 92 14.62 4.35 -12.32
N THR A 93 14.09 3.15 -12.57
CA THR A 93 14.91 2.03 -13.04
C THR A 93 14.05 1.25 -14.04
N PHE A 94 14.34 1.42 -15.32
CA PHE A 94 13.49 0.94 -16.40
C PHE A 94 13.93 -0.42 -16.92
N HIS A 95 13.03 -1.04 -17.68
CA HIS A 95 13.35 -2.25 -18.41
C HIS A 95 14.34 -1.93 -19.52
N GLN A 96 14.82 -2.97 -20.20
CA GLN A 96 15.85 -2.80 -21.22
C GLN A 96 15.29 -2.38 -22.57
N CYS A 97 13.96 -2.32 -22.72
CA CYS A 97 13.32 -2.04 -24.00
C CYS A 97 12.92 -0.58 -24.18
N VAL A 98 12.97 0.23 -23.12
CA VAL A 98 12.46 1.59 -23.15
C VAL A 98 13.48 2.52 -23.78
N ARG A 99 13.18 3.83 -23.78
CA ARG A 99 14.03 4.84 -24.39
C ARG A 99 13.52 6.25 -24.10
N ILE A 109 7.37 8.11 -22.12
CA ILE A 109 8.23 6.96 -22.37
C ILE A 109 7.74 6.19 -23.60
N SER A 110 8.64 5.47 -24.26
CA SER A 110 8.32 4.70 -25.46
C SER A 110 9.06 3.36 -25.42
N PHE A 111 8.43 2.34 -25.99
CA PHE A 111 8.97 0.99 -25.90
C PHE A 111 8.20 0.00 -26.77
N ILE A 112 8.87 -1.07 -27.21
CA ILE A 112 8.23 -2.22 -27.78
C ILE A 112 8.10 -3.28 -26.67
N PRO A 113 6.91 -3.56 -26.18
CA PRO A 113 6.77 -4.40 -24.99
C PRO A 113 6.84 -5.87 -25.33
N PRO A 114 7.45 -6.68 -24.47
CA PRO A 114 7.45 -8.13 -24.70
C PRO A 114 6.05 -8.71 -24.61
N ASP A 115 5.93 -9.98 -25.01
CA ASP A 115 4.65 -10.68 -24.98
C ASP A 115 4.43 -11.28 -23.59
N GLY A 116 3.39 -10.84 -22.90
CA GLY A 116 3.07 -11.40 -21.60
C GLY A 116 3.32 -10.43 -20.45
N GLU A 117 3.55 -10.97 -19.25
CA GLU A 117 3.74 -10.16 -18.06
C GLU A 117 5.20 -9.78 -17.90
N PHE A 118 5.46 -8.49 -17.73
CA PHE A 118 6.82 -8.01 -17.49
C PHE A 118 6.74 -6.72 -16.69
N GLU A 119 7.83 -6.43 -15.97
CA GLU A 119 7.93 -5.22 -15.16
C GLU A 119 8.42 -4.07 -16.04
N LEU A 120 7.59 -3.03 -16.16
CA LEU A 120 7.96 -1.90 -17.01
C LEU A 120 8.91 -0.95 -16.30
N MET A 121 8.70 -0.68 -15.02
CA MET A 121 9.50 0.30 -14.30
C MET A 121 9.32 0.12 -12.80
N ARG A 122 10.36 0.47 -12.05
CA ARG A 122 10.28 0.72 -10.62
C ARG A 122 10.44 2.21 -10.38
N TYR A 123 9.98 2.68 -9.22
CA TYR A 123 10.10 4.09 -8.90
C TYR A 123 10.00 4.27 -7.39
N ARG A 124 10.19 5.51 -6.96
CA ARG A 124 10.10 5.87 -5.55
C ARG A 124 9.85 7.37 -5.47
N THR A 125 8.79 7.77 -4.76
CA THR A 125 8.54 9.18 -4.48
C THR A 125 8.52 9.39 -2.98
N THR A 126 8.76 10.64 -2.57
CA THR A 126 8.72 11.00 -1.16
C THR A 126 7.90 12.24 -0.87
N LYS A 127 7.43 12.96 -1.90
CA LYS A 127 6.74 14.22 -1.73
C LYS A 127 5.24 14.04 -1.97
N ASP A 128 4.45 14.67 -1.12
CA ASP A 128 2.99 14.68 -1.26
C ASP A 128 2.42 13.26 -1.36
N ILE A 129 2.60 12.51 -0.28
CA ILE A 129 2.19 11.11 -0.22
C ILE A 129 0.88 11.01 0.53
N ILE A 130 -0.09 10.32 -0.05
CA ILE A 130 -1.36 10.08 0.63
C ILE A 130 -1.12 9.03 1.71
N LEU A 131 -1.12 9.47 2.97
CA LEU A 131 -1.04 8.52 4.08
C LEU A 131 -2.43 7.95 4.34
N PRO A 132 -2.67 6.69 3.98
CA PRO A 132 -4.05 6.17 3.99
C PRO A 132 -4.63 5.98 5.38
N PHE A 133 -3.81 5.86 6.41
CA PHE A 133 -4.34 5.66 7.75
C PHE A 133 -3.53 6.50 8.73
N ARG A 134 -4.15 6.81 9.87
CA ARG A 134 -3.55 7.62 10.91
C ARG A 134 -3.71 6.90 12.24
N VAL A 135 -2.61 6.37 12.77
CA VAL A 135 -2.64 5.64 14.03
C VAL A 135 -2.43 6.62 15.17
N ILE A 136 -3.32 6.57 16.15
CA ILE A 136 -3.32 7.51 17.26
C ILE A 136 -3.29 6.72 18.56
N PRO A 137 -2.11 6.55 19.16
CA PRO A 137 -1.99 5.78 20.40
C PRO A 137 -2.27 6.61 21.65
N LEU A 138 -2.74 5.91 22.68
CA LEU A 138 -2.99 6.51 23.98
C LEU A 138 -2.70 5.46 25.05
N VAL A 139 -1.62 5.66 25.80
CA VAL A 139 -1.19 4.71 26.83
C VAL A 139 -1.22 5.43 28.17
N ARG A 140 -1.76 4.76 29.19
CA ARG A 140 -1.92 5.36 30.51
C ARG A 140 -1.49 4.36 31.58
N GLU A 141 -0.44 4.69 32.31
CA GLU A 141 0.00 3.86 33.43
C GLU A 141 -1.02 3.91 34.54
N VAL A 142 -1.23 2.77 35.19
CA VAL A 142 -2.08 2.67 36.38
C VAL A 142 -1.21 2.05 37.46
N GLY A 143 -0.57 2.90 38.27
CA GLY A 143 0.39 2.42 39.24
C GLY A 143 1.54 1.71 38.55
N ARG A 144 1.79 0.48 38.97
CA ARG A 144 2.84 -0.36 38.37
C ARG A 144 2.28 -1.71 37.93
N THR A 145 0.96 -1.82 37.78
CA THR A 145 0.33 -3.12 37.57
C THR A 145 -0.52 -3.14 36.30
N LYS A 146 -1.35 -2.12 36.10
CA LYS A 146 -2.26 -2.07 34.96
C LYS A 146 -1.66 -1.23 33.84
N LEU A 147 -2.13 -1.47 32.62
CA LEU A 147 -1.80 -0.64 31.45
C LEU A 147 -3.07 -0.48 30.62
N GLU A 148 -3.78 0.62 30.86
CA GLU A 148 -4.91 1.00 30.02
C GLU A 148 -4.40 1.62 28.73
N VAL A 149 -4.74 1.00 27.59
CA VAL A 149 -4.26 1.42 26.28
C VAL A 149 -5.45 1.60 25.36
N LYS A 150 -5.40 2.64 24.51
CA LYS A 150 -6.43 2.91 23.53
C LYS A 150 -5.77 3.34 22.22
N VAL A 151 -6.19 2.73 21.12
CA VAL A 151 -5.62 3.02 19.80
C VAL A 151 -6.76 3.31 18.83
N VAL A 152 -6.63 4.41 18.09
CA VAL A 152 -7.65 4.86 17.14
C VAL A 152 -7.04 4.85 15.75
N ILE A 153 -7.75 4.25 14.81
CA ILE A 153 -7.38 4.32 13.39
C ILE A 153 -8.32 5.31 12.71
N LYS A 154 -7.75 6.21 11.92
CA LYS A 154 -8.54 7.13 11.10
C LYS A 154 -8.16 6.89 9.65
N SER A 155 -9.09 6.33 8.88
CA SER A 155 -8.90 6.22 7.44
C SER A 155 -8.99 7.59 6.80
N ASN A 156 -8.15 7.84 5.78
CA ASN A 156 -8.00 9.17 5.20
C ASN A 156 -7.95 9.03 3.67
N PHE A 157 -9.10 8.69 3.07
CA PHE A 157 -9.23 8.63 1.62
C PHE A 157 -10.71 8.72 1.27
N LYS A 158 -11.02 8.60 -0.01
CA LYS A 158 -12.40 8.74 -0.48
C LYS A 158 -13.30 7.71 0.22
N PRO A 159 -14.44 8.14 0.78
CA PRO A 159 -15.34 7.17 1.41
C PRO A 159 -15.96 6.18 0.43
N SER A 160 -15.91 6.47 -0.88
CA SER A 160 -16.40 5.52 -1.87
C SER A 160 -15.51 4.30 -2.01
N LEU A 161 -14.31 4.33 -1.46
CA LEU A 161 -13.35 3.24 -1.57
C LEU A 161 -13.18 2.55 -0.23
N LEU A 162 -12.93 1.24 -0.29
CA LEU A 162 -12.73 0.42 0.90
C LEU A 162 -11.28 -0.01 1.01
N ALA A 163 -10.68 0.23 2.18
CA ALA A 163 -9.44 -0.45 2.51
C ALA A 163 -9.75 -1.89 2.92
N GLN A 164 -8.81 -2.79 2.65
CA GLN A 164 -9.00 -4.20 2.92
C GLN A 164 -7.76 -4.77 3.58
N LYS A 165 -7.95 -5.90 4.26
CA LYS A 165 -6.88 -6.60 4.97
C LYS A 165 -6.15 -5.66 5.93
N ILE A 166 -6.91 -5.17 6.91
CA ILE A 166 -6.39 -4.24 7.90
C ILE A 166 -5.93 -5.01 9.13
N GLU A 167 -4.67 -4.83 9.50
CA GLU A 167 -4.11 -5.41 10.71
C GLU A 167 -3.39 -4.32 11.49
N VAL A 168 -3.61 -4.29 12.80
CA VAL A 168 -2.99 -3.34 13.71
C VAL A 168 -2.33 -4.13 14.83
N ARG A 169 -1.00 -4.08 14.90
CA ARG A 169 -0.24 -4.81 15.91
C ARG A 169 0.13 -3.85 17.03
N ILE A 170 -0.31 -4.16 18.24
CA ILE A 170 0.00 -3.35 19.43
C ILE A 170 0.88 -4.18 20.35
N PRO A 171 2.15 -3.83 20.51
CA PRO A 171 3.05 -4.65 21.33
C PRO A 171 2.82 -4.45 22.82
N THR A 172 2.84 -5.55 23.56
CA THR A 172 2.68 -5.58 25.00
C THR A 172 4.03 -5.76 25.67
N PRO A 173 4.18 -5.29 26.91
CA PRO A 173 5.45 -5.49 27.62
C PRO A 173 5.73 -6.97 27.87
N LEU A 174 7.00 -7.26 28.14
CA LEU A 174 7.43 -8.63 28.37
C LEU A 174 6.89 -9.20 29.66
N ASN A 175 6.54 -8.35 30.62
CA ASN A 175 6.04 -8.77 31.93
C ASN A 175 4.51 -8.72 32.00
N THR A 176 3.85 -9.30 31.00
CA THR A 176 2.40 -9.27 30.91
C THR A 176 1.83 -10.63 31.32
N SER A 177 0.92 -10.62 32.30
CA SER A 177 0.24 -11.84 32.72
C SER A 177 -1.05 -12.07 31.94
N GLY A 178 -1.83 -11.01 31.74
CA GLY A 178 -3.03 -11.10 30.95
C GLY A 178 -3.35 -9.76 30.34
N VAL A 179 -4.12 -9.78 29.27
CA VAL A 179 -4.64 -8.59 28.64
C VAL A 179 -6.14 -8.74 28.52
N GLN A 180 -6.84 -7.62 28.47
CA GLN A 180 -8.29 -7.60 28.35
C GLN A 180 -8.64 -6.57 27.30
N VAL A 181 -9.15 -7.02 26.15
CA VAL A 181 -9.46 -6.13 25.05
C VAL A 181 -10.90 -6.33 24.62
N ILE A 182 -11.57 -5.22 24.32
CA ILE A 182 -12.80 -5.22 23.54
C ILE A 182 -12.60 -4.25 22.41
N CYS A 183 -13.30 -4.49 21.30
CA CYS A 183 -13.20 -3.63 20.15
C CYS A 183 -14.55 -3.56 19.46
N MET A 184 -14.78 -2.43 18.78
CA MET A 184 -16.06 -2.22 18.09
C MET A 184 -16.08 -2.99 16.78
N LYS A 185 -15.31 -2.55 15.79
CA LYS A 185 -15.23 -3.23 14.50
C LYS A 185 -14.12 -4.27 14.52
N GLY A 186 -14.35 -5.37 13.79
CA GLY A 186 -13.36 -6.41 13.67
C GLY A 186 -13.21 -7.28 14.90
N LYS A 187 -12.12 -8.06 14.89
CA LYS A 187 -11.80 -9.00 15.95
C LYS A 187 -10.37 -8.77 16.42
N ALA A 188 -10.13 -9.04 17.71
CA ALA A 188 -8.81 -8.84 18.29
C ALA A 188 -8.44 -10.05 19.14
N LYS A 189 -7.14 -10.35 19.15
CA LYS A 189 -6.62 -11.46 19.95
C LYS A 189 -5.24 -11.06 20.47
N TYR A 190 -4.90 -11.58 21.64
CA TYR A 190 -3.58 -11.37 22.23
C TYR A 190 -2.73 -12.61 21.98
N LYS A 191 -1.85 -12.52 20.98
CA LYS A 191 -0.85 -13.56 20.74
C LYS A 191 0.27 -13.35 21.76
N ALA A 192 0.15 -14.03 22.90
CA ALA A 192 1.11 -13.85 23.98
C ALA A 192 2.50 -14.32 23.60
N SER A 193 2.60 -15.32 22.73
CA SER A 193 3.91 -15.77 22.25
C SER A 193 4.65 -14.65 21.54
N GLU A 194 4.00 -14.04 20.54
CA GLU A 194 4.57 -12.88 19.84
C GLU A 194 4.63 -11.64 20.71
N ASN A 195 4.01 -11.68 21.90
CA ASN A 195 4.05 -10.58 22.87
C ASN A 195 3.48 -9.29 22.26
N ALA A 196 2.30 -9.41 21.66
CA ALA A 196 1.62 -8.27 21.05
C ALA A 196 0.15 -8.61 20.91
N ILE A 197 -0.65 -7.58 20.61
CA ILE A 197 -2.09 -7.72 20.39
C ILE A 197 -2.34 -7.53 18.90
N VAL A 198 -3.03 -8.50 18.29
CA VAL A 198 -3.35 -8.44 16.87
C VAL A 198 -4.82 -8.08 16.72
N TRP A 199 -5.09 -7.03 15.96
CA TRP A 199 -6.44 -6.53 15.70
C TRP A 199 -6.64 -6.50 14.18
N LYS A 200 -7.62 -7.27 13.71
CA LYS A 200 -7.84 -7.45 12.28
C LYS A 200 -9.21 -6.94 11.88
N ILE A 201 -9.26 -6.20 10.78
CA ILE A 201 -10.48 -5.57 10.28
C ILE A 201 -10.64 -5.97 8.81
N LYS A 202 -11.83 -6.47 8.46
CA LYS A 202 -12.08 -6.91 7.10
C LYS A 202 -12.02 -5.75 6.11
N ARG A 203 -12.91 -4.77 6.27
CA ARG A 203 -12.94 -3.60 5.39
C ARG A 203 -13.12 -2.34 6.23
N MET A 204 -12.84 -1.20 5.60
CA MET A 204 -13.03 0.10 6.25
C MET A 204 -13.06 1.17 5.17
N ALA A 205 -14.18 1.88 5.06
CA ALA A 205 -14.29 2.96 4.10
C ALA A 205 -13.47 4.16 4.56
N GLY A 206 -13.20 5.06 3.62
CA GLY A 206 -12.46 6.27 3.94
C GLY A 206 -13.27 7.23 4.77
N MET A 207 -12.56 8.18 5.39
CA MET A 207 -13.17 9.18 6.26
C MET A 207 -14.01 8.53 7.35
N LYS A 208 -13.43 7.53 7.99
CA LYS A 208 -14.08 6.82 9.09
C LYS A 208 -13.05 6.62 10.19
N GLU A 209 -13.53 6.24 11.37
CA GLU A 209 -12.64 5.98 12.48
C GLU A 209 -13.17 4.82 13.31
N SER A 210 -12.25 3.93 13.70
CA SER A 210 -12.55 2.80 14.57
C SER A 210 -11.51 2.79 15.69
N GLN A 211 -11.90 2.25 16.84
CA GLN A 211 -11.03 2.27 18.00
C GLN A 211 -11.02 0.91 18.68
N ILE A 212 -9.99 0.71 19.51
CA ILE A 212 -9.83 -0.50 20.30
C ILE A 212 -9.33 -0.08 21.68
N SER A 213 -9.71 -0.84 22.71
CA SER A 213 -9.36 -0.51 24.08
C SER A 213 -8.88 -1.76 24.80
N ALA A 214 -7.79 -1.63 25.55
CA ALA A 214 -7.12 -2.76 26.17
C ALA A 214 -6.78 -2.47 27.62
N GLU A 215 -6.80 -3.53 28.44
CA GLU A 215 -6.29 -3.50 29.81
C GLU A 215 -5.19 -4.54 29.93
N ILE A 216 -4.00 -4.13 30.34
CA ILE A 216 -2.84 -5.02 30.42
C ILE A 216 -2.44 -5.14 31.88
N GLU A 217 -2.50 -6.36 32.40
CA GLU A 217 -2.01 -6.65 33.74
C GLU A 217 -0.53 -7.04 33.68
N LEU A 218 0.29 -6.38 34.48
CA LEU A 218 1.73 -6.58 34.49
C LEU A 218 2.14 -7.38 35.72
N LEU A 219 3.07 -8.32 35.53
CA LEU A 219 3.77 -8.90 36.66
C LEU A 219 4.67 -7.83 37.27
N PRO A 220 4.97 -7.94 38.56
CA PRO A 220 6.04 -7.12 39.12
C PRO A 220 7.38 -7.46 38.48
N THR A 221 8.22 -6.43 38.32
CA THR A 221 9.53 -6.59 37.72
C THR A 221 10.45 -5.53 38.32
N ASN A 222 11.64 -5.39 37.74
CA ASN A 222 12.59 -4.37 38.15
C ASN A 222 12.29 -3.08 37.38
N ASP A 223 11.85 -2.06 38.11
CA ASP A 223 11.59 -0.75 37.51
C ASP A 223 12.81 -0.20 36.79
N LYS A 224 14.00 -0.74 37.10
CA LYS A 224 15.29 -0.27 36.58
C LYS A 224 15.26 0.04 35.08
N LYS A 225 15.04 -0.98 34.26
CA LYS A 225 15.22 -0.82 32.82
C LYS A 225 14.12 0.02 32.15
N LYS A 226 12.96 0.20 32.78
CA LYS A 226 11.76 0.61 32.06
C LYS A 226 11.57 -0.33 30.88
N TRP A 227 11.14 0.18 29.72
CA TRP A 227 11.14 -0.68 28.54
C TRP A 227 11.07 0.14 27.27
N ALA A 228 11.80 -0.31 26.25
CA ALA A 228 11.83 0.35 24.95
C ALA A 228 10.46 0.21 24.28
N ARG A 229 9.74 1.31 24.18
CA ARG A 229 8.37 1.34 23.70
C ARG A 229 8.34 1.08 22.19
N PRO A 230 7.92 -0.11 21.75
CA PRO A 230 7.92 -0.40 20.32
C PRO A 230 6.77 0.32 19.63
N PRO A 231 6.88 0.55 18.33
CA PRO A 231 5.82 1.25 17.62
C PRO A 231 4.65 0.32 17.27
N ILE A 232 3.52 0.95 16.98
CA ILE A 232 2.31 0.23 16.59
C ILE A 232 2.31 0.08 15.08
N SER A 233 2.33 -1.16 14.61
CA SER A 233 2.43 -1.48 13.20
C SER A 233 1.05 -1.58 12.56
N MET A 234 1.02 -1.45 11.23
CA MET A 234 -0.21 -1.55 10.47
C MET A 234 0.06 -2.25 9.15
N ASN A 235 -0.98 -2.93 8.65
CA ASN A 235 -0.96 -3.51 7.31
C ASN A 235 -2.33 -3.34 6.69
N PHE A 236 -2.36 -2.96 5.42
CA PHE A 236 -3.62 -2.67 4.75
C PHE A 236 -3.45 -2.81 3.25
N GLU A 237 -4.57 -2.82 2.55
CA GLU A 237 -4.61 -2.72 1.09
C GLU A 237 -5.64 -1.67 0.71
N VAL A 238 -5.25 -0.74 -0.16
CA VAL A 238 -6.13 0.33 -0.58
C VAL A 238 -6.13 0.44 -2.10
N PRO A 239 -7.30 0.61 -2.73
CA PRO A 239 -7.40 0.61 -4.18
C PRO A 239 -7.02 1.93 -4.85
N PHE A 240 -5.87 2.47 -4.46
CA PHE A 240 -5.34 3.68 -5.09
C PHE A 240 -3.85 3.76 -4.83
N ALA A 241 -3.17 4.55 -5.67
CA ALA A 241 -1.74 4.79 -5.48
C ALA A 241 -1.52 5.90 -4.48
N PRO A 242 -0.95 5.59 -3.32
CA PRO A 242 -0.69 6.63 -2.31
C PRO A 242 0.24 7.75 -2.79
N SER A 243 1.02 7.51 -3.83
CA SER A 243 1.84 8.57 -4.41
C SER A 243 1.05 9.51 -5.29
N GLY A 244 -0.26 9.32 -5.42
CA GLY A 244 -1.08 10.13 -6.29
C GLY A 244 -0.90 9.85 -7.76
N LEU A 245 0.00 8.93 -8.12
CA LEU A 245 0.27 8.63 -9.52
C LEU A 245 -0.97 8.08 -10.20
N LYS A 246 -1.22 8.54 -11.43
CA LYS A 246 -2.29 8.02 -12.27
C LYS A 246 -1.77 7.91 -13.71
N VAL A 247 -2.36 7.00 -14.47
CA VAL A 247 -1.94 6.74 -15.85
C VAL A 247 -2.69 7.69 -16.76
N ARG A 248 -1.97 8.63 -17.39
CA ARG A 248 -2.62 9.56 -18.30
C ARG A 248 -3.06 8.86 -19.57
N TYR A 249 -2.11 8.29 -20.31
CA TYR A 249 -2.40 7.63 -21.57
C TYR A 249 -1.53 6.39 -21.72
N LEU A 250 -2.01 5.46 -22.54
CA LEU A 250 -1.19 4.36 -23.06
C LEU A 250 -1.57 4.19 -24.53
N LYS A 251 -0.75 4.73 -25.42
CA LYS A 251 -1.00 4.66 -26.84
C LYS A 251 -0.33 3.42 -27.42
N VAL A 252 -1.01 2.76 -28.34
CA VAL A 252 -0.46 1.62 -29.07
C VAL A 252 -0.41 1.99 -30.55
N PHE A 253 0.74 1.74 -31.18
CA PHE A 253 0.96 2.11 -32.57
C PHE A 253 1.56 0.93 -33.31
N GLU A 254 0.77 0.32 -34.19
CA GLU A 254 1.24 -0.67 -35.14
C GLU A 254 0.97 -0.15 -36.54
N PRO A 255 1.99 0.31 -37.26
CA PRO A 255 1.74 0.84 -38.62
C PRO A 255 1.54 -0.26 -39.64
N LYS A 256 2.21 -1.40 -39.49
CA LYS A 256 2.11 -2.47 -40.47
C LYS A 256 0.75 -3.15 -40.41
N LEU A 257 0.36 -3.64 -39.23
CA LEU A 257 -0.93 -4.28 -39.05
C LEU A 257 -2.03 -3.22 -39.01
N ASN A 258 -3.25 -3.68 -39.30
CA ASN A 258 -4.38 -2.78 -39.57
C ASN A 258 -5.16 -2.38 -38.31
N TYR A 259 -4.54 -2.40 -37.14
CA TYR A 259 -5.22 -1.90 -35.95
C TYR A 259 -4.48 -0.68 -35.41
N SER A 260 -5.24 0.21 -34.78
CA SER A 260 -4.75 1.43 -34.16
C SER A 260 -5.12 1.41 -32.68
N ASP A 261 -4.84 2.53 -31.99
CA ASP A 261 -5.01 2.57 -30.53
C ASP A 261 -6.47 2.52 -30.11
N HIS A 262 -7.40 2.93 -30.98
CA HIS A 262 -8.81 2.86 -30.62
C HIS A 262 -9.33 1.42 -30.55
N ASP A 263 -8.54 0.44 -30.94
CA ASP A 263 -8.95 -0.96 -31.00
C ASP A 263 -8.45 -1.78 -29.81
N VAL A 264 -7.67 -1.18 -28.91
CA VAL A 264 -7.05 -1.90 -27.81
C VAL A 264 -7.92 -1.78 -26.57
N ILE A 265 -8.26 -2.91 -25.96
CA ILE A 265 -9.06 -2.96 -24.75
C ILE A 265 -8.11 -2.82 -23.57
N LYS A 266 -7.88 -1.59 -23.11
CA LYS A 266 -6.88 -1.32 -22.08
C LYS A 266 -7.51 -1.23 -20.70
N TRP A 267 -6.86 -1.86 -19.72
CA TRP A 267 -7.32 -1.87 -18.34
C TRP A 267 -6.17 -1.45 -17.43
N VAL A 268 -6.52 -0.88 -16.28
CA VAL A 268 -5.56 -0.41 -15.28
C VAL A 268 -6.09 -0.73 -13.90
N ARG A 269 -5.19 -1.12 -13.00
CA ARG A 269 -5.53 -1.58 -11.65
C ARG A 269 -4.54 -1.00 -10.65
N TYR A 270 -5.01 -0.12 -9.77
CA TYR A 270 -4.17 0.48 -8.73
C TYR A 270 -4.33 -0.28 -7.43
N ILE A 271 -3.21 -0.70 -6.84
CA ILE A 271 -3.20 -1.46 -5.59
C ILE A 271 -2.06 -0.95 -4.73
N GLY A 272 -2.38 -0.49 -3.52
CA GLY A 272 -1.37 -0.01 -2.60
C GLY A 272 -1.30 -0.81 -1.32
N ARG A 273 -0.18 -1.48 -1.09
CA ARG A 273 0.05 -2.23 0.13
C ARG A 273 0.90 -1.40 1.10
N SER A 274 0.88 -1.81 2.36
CA SER A 274 1.71 -1.19 3.39
C SER A 274 2.96 -2.03 3.61
N GLY A 275 4.05 -1.34 3.95
CA GLY A 275 5.27 -2.03 4.31
C GLY A 275 5.62 -1.79 5.76
N ILE A 276 6.43 -0.76 6.00
CA ILE A 276 6.79 -0.34 7.35
C ILE A 276 5.90 0.84 7.71
N TYR A 277 4.80 0.58 8.40
CA TYR A 277 3.79 1.59 8.71
C TYR A 277 3.64 1.60 10.23
N GLU A 278 4.44 2.44 10.90
CA GLU A 278 4.55 2.42 12.35
C GLU A 278 4.31 3.80 12.92
N THR A 279 3.79 3.84 14.14
CA THR A 279 3.56 5.08 14.88
C THR A 279 4.14 4.93 16.27
N ARG A 280 5.11 5.78 16.60
CA ARG A 280 5.67 5.79 17.94
C ARG A 280 4.56 6.01 18.97
N CYS A 281 4.51 5.17 19.98
CA CYS A 281 3.48 5.28 21.00
C CYS A 281 4.11 5.62 22.36
N CYS B 3 -12.39 -5.96 -10.12
CA CYS B 3 -10.94 -5.99 -10.04
C CYS B 3 -10.32 -4.85 -10.85
N TYR B 4 -10.22 -5.05 -12.16
CA TYR B 4 -9.66 -4.05 -13.06
C TYR B 4 -10.71 -3.01 -13.42
N GLU B 5 -10.24 -1.84 -13.86
CA GLU B 5 -11.09 -0.77 -14.35
C GLU B 5 -10.60 -0.31 -15.70
N GLN B 6 -11.52 0.18 -16.53
CA GLN B 6 -11.18 0.57 -17.89
C GLN B 6 -10.49 1.93 -17.90
N LEU B 7 -9.57 2.09 -18.86
CA LEU B 7 -8.79 3.31 -19.01
C LEU B 7 -9.55 4.33 -19.85
N ASN B 8 -9.89 5.46 -19.24
CA ASN B 8 -10.60 6.52 -19.94
C ASN B 8 -9.64 7.33 -20.80
#